data_3HCF
#
_entry.id   3HCF
#
_cell.length_a   93.514
_cell.length_b   93.514
_cell.length_c   187.535
_cell.angle_alpha   90.000
_cell.angle_beta   90.000
_cell.angle_gamma   90.000
#
_symmetry.space_group_name_H-M   'P 43 21 2'
#
loop_
_entity.id
_entity.type
_entity.pdbx_description
1 polymer 'Phenylethanolamine N-methyltransferase'
2 non-polymer (1R)-2-amino-1-[3-(trifluoromethyl)phenyl]ethanol
3 non-polymer S-ADENOSYL-L-HOMOCYSTEINE
4 non-polymer 1,2-ETHANEDIOL
5 water water
#
_entity_poly.entity_id   1
_entity_poly.type   'polypeptide(L)'
_entity_poly.pdbx_seq_one_letter_code
;MSGADRSPNAGAAPDSAPGQAAVASAYQRFEPRAYLRNNYAPPRGDLCNPNGVGPWKLRCLAQTFATGEVSGRTLIDIGS
GPTVYQLLSACSHFEDITMTDFLEVNRQELGRWLQEEPGAFNWSMYSQHACLIEGKGECWQDKERQLRARVKRVLPIDVH
QPQPLGAGSPAPLPADALVSAFCLEAVSPDLASFQRALDHITTLLRPGGHLLLIGALEESWYLAGEARLTVVPVSEEEVR
EALVRSGYKVRDLRTYIMPAHLQTGVDDVKGVFFAWAQKVGLEHHHHHH
;
_entity_poly.pdbx_strand_id   A,B
#
loop_
_chem_comp.id
_chem_comp.type
_chem_comp.name
_chem_comp.formula
EDO non-polymer 1,2-ETHANEDIOL 'C2 H6 O2'
LT5 non-polymer (1R)-2-amino-1-[3-(trifluoromethyl)phenyl]ethanol 'C9 H10 F3 N O'
SAH non-polymer S-ADENOSYL-L-HOMOCYSTEINE 'C14 H20 N6 O5 S'
#
# COMPACT_ATOMS: atom_id res chain seq x y z
N ALA A 24 -9.85 34.74 -17.16
CA ALA A 24 -10.66 34.01 -16.20
C ALA A 24 -11.89 33.38 -16.86
N SER A 25 -12.32 33.97 -17.97
CA SER A 25 -13.37 33.39 -18.79
C SER A 25 -12.81 32.19 -19.55
N ALA A 26 -11.48 32.09 -19.55
CA ALA A 26 -10.78 30.94 -20.13
C ALA A 26 -11.09 29.69 -19.32
N TYR A 27 -11.32 29.89 -18.02
CA TYR A 27 -11.64 28.78 -17.11
C TYR A 27 -13.02 28.15 -17.33
N GLN A 28 -13.78 28.73 -18.24
CA GLN A 28 -15.11 28.24 -18.54
C GLN A 28 -15.02 27.05 -19.50
N ARG A 29 -13.88 26.94 -20.16
CA ARG A 29 -13.65 25.82 -21.08
C ARG A 29 -12.82 24.70 -20.43
N PHE A 30 -12.49 24.88 -19.15
CA PHE A 30 -11.68 23.97 -18.36
C PHE A 30 -12.30 22.57 -18.21
N GLU A 31 -11.55 21.55 -18.62
CA GLU A 31 -12.04 20.17 -18.57
C GLU A 31 -11.30 19.34 -17.50
N PRO A 32 -11.97 19.07 -16.37
CA PRO A 32 -11.33 18.38 -15.23
C PRO A 32 -10.71 17.02 -15.61
N ARG A 33 -11.47 16.14 -16.25
CA ARG A 33 -10.91 14.86 -16.68
C ARG A 33 -9.58 15.05 -17.44
N ALA A 34 -9.47 16.08 -18.27
CA ALA A 34 -8.22 16.31 -18.99
C ALA A 34 -7.14 16.97 -18.11
N TYR A 35 -7.57 17.75 -17.13
CA TYR A 35 -6.62 18.22 -16.14
C TYR A 35 -5.98 17.02 -15.42
N LEU A 36 -6.82 16.30 -14.68
CA LEU A 36 -6.40 15.13 -13.94
C LEU A 36 -5.52 14.23 -14.78
N ARG A 37 -5.98 13.92 -15.99
CA ARG A 37 -5.23 13.07 -16.89
C ARG A 37 -3.82 13.60 -17.19
N ASN A 38 -3.73 14.92 -17.30
CA ASN A 38 -2.52 15.59 -17.72
C ASN A 38 -1.49 15.66 -16.61
N ASN A 39 -1.98 15.54 -15.38
CA ASN A 39 -1.18 15.92 -14.23
C ASN A 39 -1.18 14.96 -13.07
N TYR A 40 -2.07 13.97 -13.12
CA TYR A 40 -2.17 13.00 -12.05
C TYR A 40 -2.26 11.56 -12.57
N ALA A 41 -2.12 11.37 -13.88
CA ALA A 41 -1.99 10.04 -14.48
C ALA A 41 -0.58 9.94 -14.97
N PRO A 42 -0.14 8.75 -15.35
CA PRO A 42 1.32 8.63 -15.60
C PRO A 42 1.63 9.44 -16.80
N PRO A 43 2.88 9.91 -16.96
CA PRO A 43 4.08 9.75 -16.11
C PRO A 43 4.04 10.43 -14.75
N ARG A 44 3.38 11.59 -14.68
CA ARG A 44 3.48 12.39 -13.47
C ARG A 44 2.73 11.68 -12.38
N GLY A 45 1.72 10.92 -12.79
CA GLY A 45 0.84 10.21 -11.86
C GLY A 45 1.33 8.80 -11.46
N ASP A 46 2.43 8.37 -12.05
CA ASP A 46 3.08 7.15 -11.67
C ASP A 46 3.90 7.41 -10.41
N LEU A 47 3.35 7.08 -9.26
CA LEU A 47 4.04 7.40 -8.01
C LEU A 47 5.23 6.47 -7.70
N CYS A 48 5.55 5.59 -8.64
CA CYS A 48 6.52 4.56 -8.32
C CYS A 48 7.93 5.11 -8.12
N ASN A 49 8.36 6.00 -9.01
CA ASN A 49 9.67 6.60 -8.87
C ASN A 49 9.59 7.70 -7.82
N PRO A 50 10.37 7.56 -6.76
CA PRO A 50 10.25 8.52 -5.64
C PRO A 50 10.84 9.90 -6.01
N ASN A 51 11.56 9.98 -7.11
CA ASN A 51 12.16 11.23 -7.57
C ASN A 51 11.19 12.01 -8.41
N GLY A 52 9.99 11.49 -8.59
CA GLY A 52 8.96 12.17 -9.35
C GLY A 52 8.29 13.26 -8.54
N VAL A 53 7.41 14.02 -9.17
CA VAL A 53 6.88 15.22 -8.52
C VAL A 53 5.79 14.94 -7.52
N GLY A 54 5.02 13.87 -7.76
CA GLY A 54 3.96 13.50 -6.84
C GLY A 54 4.52 13.02 -5.49
N PRO A 55 5.47 12.10 -5.58
CA PRO A 55 6.06 11.69 -4.32
C PRO A 55 6.56 12.93 -3.56
N TRP A 56 7.26 13.82 -4.26
CA TRP A 56 7.81 15.01 -3.63
C TRP A 56 6.75 15.92 -2.95
N LYS A 57 5.70 16.27 -3.69
CA LYS A 57 4.63 17.02 -3.08
C LYS A 57 4.17 16.26 -1.86
N LEU A 58 3.70 15.02 -2.06
CA LEU A 58 3.13 14.25 -0.96
C LEU A 58 4.01 14.23 0.31
N ARG A 59 5.30 14.08 0.07
CA ARG A 59 6.28 14.06 1.14
C ARG A 59 6.35 15.43 1.86
N CYS A 60 6.33 16.54 1.12
CA CYS A 60 6.35 17.87 1.75
C CYS A 60 5.18 18.03 2.72
N LEU A 61 3.98 17.66 2.29
CA LEU A 61 2.81 17.80 3.13
C LEU A 61 3.01 16.91 4.32
N ALA A 62 3.34 15.66 4.05
CA ALA A 62 3.57 14.68 5.11
C ALA A 62 4.55 15.15 6.17
N GLN A 63 5.77 15.42 5.74
CA GLN A 63 6.77 15.94 6.66
C GLN A 63 6.17 17.07 7.49
N THR A 64 5.58 18.06 6.82
CA THR A 64 5.10 19.27 7.48
C THR A 64 4.10 18.98 8.59
N PHE A 65 3.17 18.06 8.36
CA PHE A 65 2.17 17.73 9.39
C PHE A 65 2.74 16.86 10.50
N ALA A 66 3.68 15.98 10.14
CA ALA A 66 4.28 15.06 11.11
C ALA A 66 5.11 15.82 12.14
N THR A 67 5.25 17.13 11.91
CA THR A 67 5.88 18.01 12.89
C THR A 67 4.91 18.25 14.06
N GLY A 68 3.62 18.15 13.74
CA GLY A 68 2.58 18.39 14.70
C GLY A 68 2.52 19.83 15.20
N GLU A 69 3.08 20.77 14.45
CA GLU A 69 2.99 22.20 14.82
C GLU A 69 1.86 22.89 14.06
N VAL A 70 1.42 22.22 13.01
CA VAL A 70 0.24 22.61 12.28
C VAL A 70 -0.94 21.75 12.75
N SER A 71 -1.80 22.34 13.58
CA SER A 71 -2.90 21.58 14.18
C SER A 71 -4.09 22.49 14.49
N GLY A 72 -5.27 21.89 14.66
CA GLY A 72 -6.46 22.67 14.94
C GLY A 72 -7.72 21.90 14.67
N ARG A 73 -8.83 22.63 14.46
CA ARG A 73 -10.12 21.98 14.28
C ARG A 73 -10.67 22.14 12.87
N THR A 74 -10.48 23.32 12.29
CA THR A 74 -10.98 23.57 10.93
C THR A 74 -9.87 23.90 9.96
N LEU A 75 -10.11 23.61 8.69
CA LEU A 75 -9.13 23.87 7.64
C LEU A 75 -9.86 24.04 6.29
N ILE A 76 -9.30 24.89 5.42
CA ILE A 76 -9.92 25.15 4.14
C ILE A 76 -8.97 24.98 2.96
N ASP A 77 -9.43 24.24 1.95
CA ASP A 77 -8.63 24.05 0.75
C ASP A 77 -9.05 25.08 -0.28
N ILE A 78 -8.12 25.92 -0.70
CA ILE A 78 -8.40 27.02 -1.64
C ILE A 78 -8.11 26.62 -3.07
N GLY A 79 -9.15 26.55 -3.89
CA GLY A 79 -8.95 26.16 -5.29
C GLY A 79 -8.54 24.71 -5.42
N SER A 80 -9.37 23.84 -4.86
CA SER A 80 -9.13 22.42 -4.83
C SER A 80 -9.18 21.91 -6.24
N GLY A 81 -10.01 22.55 -7.06
CA GLY A 81 -10.26 21.98 -8.36
C GLY A 81 -10.73 20.56 -8.15
N PRO A 82 -10.36 19.64 -9.04
CA PRO A 82 -10.87 18.27 -8.88
C PRO A 82 -9.86 17.39 -8.19
N THR A 83 -9.20 17.84 -7.13
CA THR A 83 -8.15 17.01 -6.57
C THR A 83 -8.18 16.95 -5.04
N VAL A 84 -7.66 15.86 -4.48
CA VAL A 84 -7.75 15.60 -3.05
C VAL A 84 -6.39 15.33 -2.38
N TYR A 85 -5.43 14.91 -3.18
CA TYR A 85 -4.11 14.57 -2.64
C TYR A 85 -3.62 15.64 -1.69
N GLN A 86 -3.91 16.90 -2.00
CA GLN A 86 -3.34 17.97 -1.21
C GLN A 86 -3.82 17.88 0.22
N LEU A 87 -4.84 17.07 0.49
CA LEU A 87 -5.39 16.95 1.85
C LEU A 87 -5.13 15.62 2.55
N LEU A 88 -4.54 14.65 1.83
CA LEU A 88 -4.34 13.30 2.37
C LEU A 88 -3.71 13.33 3.76
N SER A 89 -2.41 13.61 3.86
CA SER A 89 -1.72 13.63 5.16
C SER A 89 -2.44 14.62 6.07
N ALA A 90 -2.92 15.72 5.49
CA ALA A 90 -3.54 16.78 6.28
C ALA A 90 -4.76 16.30 7.09
N CYS A 91 -5.65 15.55 6.45
CA CYS A 91 -6.96 15.21 7.00
C CYS A 91 -6.94 14.48 8.32
N SER A 92 -5.79 13.95 8.74
CA SER A 92 -5.74 13.26 10.04
C SER A 92 -5.45 14.24 11.17
N HIS A 93 -5.49 15.54 10.89
CA HIS A 93 -5.17 16.55 11.89
C HIS A 93 -6.24 17.63 12.11
N PHE A 94 -7.23 17.68 11.23
CA PHE A 94 -8.30 18.68 11.33
C PHE A 94 -9.66 18.03 11.09
N GLU A 95 -10.57 18.15 12.05
CA GLU A 95 -11.85 17.46 11.97
C GLU A 95 -12.83 18.08 10.98
N ASP A 96 -12.76 19.39 10.81
CA ASP A 96 -13.65 20.09 9.87
C ASP A 96 -12.85 20.62 8.70
N ILE A 97 -13.03 20.00 7.54
CA ILE A 97 -12.28 20.38 6.37
C ILE A 97 -13.18 20.85 5.24
N THR A 98 -12.99 22.10 4.83
CA THR A 98 -13.81 22.71 3.80
C THR A 98 -13.07 22.78 2.48
N MET A 99 -13.68 22.30 1.41
CA MET A 99 -13.02 22.39 0.11
C MET A 99 -13.72 23.43 -0.78
N THR A 100 -13.00 23.96 -1.76
CA THR A 100 -13.52 25.05 -2.56
C THR A 100 -12.98 25.05 -3.98
N ASP A 101 -13.77 25.59 -4.90
CA ASP A 101 -13.26 25.89 -6.22
C ASP A 101 -14.17 26.83 -7.00
N PHE A 102 -13.59 27.57 -7.91
CA PHE A 102 -14.31 28.55 -8.69
C PHE A 102 -15.34 27.90 -9.63
N LEU A 103 -15.04 26.71 -10.11
CA LEU A 103 -15.89 26.06 -11.11
C LEU A 103 -16.91 25.08 -10.54
N GLU A 104 -18.10 25.06 -11.14
CA GLU A 104 -19.13 24.10 -10.77
C GLU A 104 -18.64 22.70 -11.12
N VAL A 105 -18.29 22.53 -12.39
CA VAL A 105 -17.83 21.23 -12.89
C VAL A 105 -16.77 20.55 -11.98
N ASN A 106 -15.91 21.34 -11.37
CA ASN A 106 -14.96 20.79 -10.43
C ASN A 106 -15.61 20.44 -9.12
N ARG A 107 -16.39 21.35 -8.54
CA ARG A 107 -17.14 20.99 -7.34
C ARG A 107 -17.93 19.69 -7.54
N GLN A 108 -18.38 19.45 -8.77
CA GLN A 108 -19.11 18.23 -9.09
C GLN A 108 -18.21 17.02 -9.17
N GLU A 109 -17.01 17.20 -9.71
CA GLU A 109 -16.06 16.09 -9.84
C GLU A 109 -15.58 15.67 -8.46
N LEU A 110 -15.41 16.63 -7.55
CA LEU A 110 -15.06 16.33 -6.15
C LEU A 110 -16.21 15.57 -5.49
N GLY A 111 -17.42 16.06 -5.70
CA GLY A 111 -18.61 15.36 -5.23
C GLY A 111 -18.50 13.88 -5.52
N ARG A 112 -18.32 13.55 -6.80
CA ARG A 112 -18.22 12.17 -7.25
C ARG A 112 -17.23 11.27 -6.47
N TRP A 113 -16.08 11.81 -6.08
CA TRP A 113 -15.13 11.01 -5.32
C TRP A 113 -15.49 10.99 -3.84
N LEU A 114 -16.00 12.11 -3.34
CA LEU A 114 -16.37 12.20 -1.95
C LEU A 114 -17.49 11.23 -1.64
N GLN A 115 -18.37 11.04 -2.61
CA GLN A 115 -19.53 10.17 -2.40
C GLN A 115 -19.34 8.80 -3.06
N GLU A 116 -18.11 8.47 -3.43
CA GLU A 116 -17.81 7.18 -4.06
C GLU A 116 -18.77 6.84 -5.20
N GLU A 117 -19.27 7.87 -5.86
CA GLU A 117 -20.18 7.70 -6.98
C GLU A 117 -19.45 7.02 -8.13
N PRO A 118 -20.17 6.72 -9.21
CA PRO A 118 -19.63 6.04 -10.38
C PRO A 118 -18.80 6.95 -11.27
N GLY A 119 -17.64 6.46 -11.72
CA GLY A 119 -16.79 7.20 -12.62
C GLY A 119 -15.93 8.25 -11.92
N ALA A 120 -15.87 8.17 -10.60
CA ALA A 120 -15.03 9.08 -9.84
C ALA A 120 -13.59 8.83 -10.26
N PHE A 121 -12.73 9.78 -9.99
CA PHE A 121 -11.33 9.60 -10.29
C PHE A 121 -10.71 8.61 -9.29
N ASN A 122 -9.62 7.95 -9.69
CA ASN A 122 -8.97 7.02 -8.78
C ASN A 122 -7.69 7.56 -8.13
N TRP A 123 -7.85 8.01 -6.89
CA TRP A 123 -6.72 8.56 -6.16
C TRP A 123 -5.95 7.51 -5.37
N SER A 124 -6.38 6.24 -5.50
CA SER A 124 -5.93 5.19 -4.59
C SER A 124 -4.40 5.17 -4.51
N MET A 125 -3.73 5.30 -5.65
CA MET A 125 -2.29 5.41 -5.66
C MET A 125 -1.78 6.52 -4.72
N TYR A 126 -2.42 7.67 -4.78
CA TYR A 126 -2.00 8.79 -3.94
C TYR A 126 -2.22 8.44 -2.46
N SER A 127 -3.41 7.94 -2.12
CA SER A 127 -3.71 7.51 -0.75
C SER A 127 -2.66 6.52 -0.25
N GLN A 128 -2.39 5.51 -1.09
CA GLN A 128 -1.32 4.57 -0.79
C GLN A 128 -0.06 5.29 -0.38
N HIS A 129 0.44 6.16 -1.26
CA HIS A 129 1.73 6.76 -0.98
C HIS A 129 1.72 7.67 0.23
N ALA A 130 0.60 8.32 0.49
CA ALA A 130 0.52 9.13 1.69
C ALA A 130 0.76 8.19 2.85
N CYS A 131 0.06 7.05 2.85
CA CYS A 131 0.20 6.02 3.89
C CYS A 131 1.66 5.53 3.97
N LEU A 132 2.26 5.25 2.82
CA LEU A 132 3.65 4.83 2.77
C LEU A 132 4.56 5.86 3.40
N ILE A 133 4.41 7.12 2.99
CA ILE A 133 5.25 8.23 3.44
C ILE A 133 5.07 8.55 4.94
N GLU A 134 3.82 8.60 5.43
CA GLU A 134 3.58 8.85 6.84
C GLU A 134 4.09 7.70 7.74
N GLY A 135 4.23 6.51 7.16
CA GLY A 135 4.76 5.37 7.87
C GLY A 135 4.09 5.09 9.22
N LYS A 136 2.76 5.03 9.25
CA LYS A 136 2.06 4.70 10.49
C LYS A 136 1.28 3.40 10.28
N GLY A 137 1.64 2.69 9.22
CA GLY A 137 1.02 1.42 8.91
C GLY A 137 -0.46 1.50 8.58
N GLU A 138 -0.99 2.70 8.34
CA GLU A 138 -2.40 2.90 7.97
C GLU A 138 -2.68 2.30 6.60
N CYS A 139 -3.82 1.64 6.43
CA CYS A 139 -4.20 1.20 5.09
C CYS A 139 -4.87 2.37 4.37
N TRP A 140 -4.76 2.38 3.05
CA TRP A 140 -5.25 3.51 2.29
C TRP A 140 -6.76 3.66 2.30
N GLN A 141 -7.50 2.57 2.44
CA GLN A 141 -8.93 2.71 2.60
C GLN A 141 -9.28 3.43 3.92
N ASP A 142 -8.53 3.16 4.98
CA ASP A 142 -8.77 3.90 6.21
C ASP A 142 -8.54 5.41 6.00
N LYS A 143 -7.51 5.72 5.21
CA LYS A 143 -7.10 7.09 4.95
C LYS A 143 -8.20 7.82 4.19
N GLU A 144 -8.56 7.30 3.01
CA GLU A 144 -9.67 7.86 2.25
C GLU A 144 -10.93 7.97 3.11
N ARG A 145 -11.23 6.91 3.85
CA ARG A 145 -12.42 6.88 4.71
C ARG A 145 -12.37 8.09 5.65
N GLN A 146 -11.19 8.40 6.17
CA GLN A 146 -11.05 9.52 7.11
C GLN A 146 -11.22 10.88 6.40
N LEU A 147 -10.66 10.97 5.18
CA LEU A 147 -10.76 12.19 4.39
C LEU A 147 -12.21 12.49 4.12
N ARG A 148 -12.87 11.61 3.36
CA ARG A 148 -14.29 11.74 3.03
C ARG A 148 -15.13 12.15 4.24
N ALA A 149 -14.83 11.51 5.36
CA ALA A 149 -15.56 11.75 6.59
C ALA A 149 -15.37 13.17 7.10
N ARG A 150 -14.14 13.67 6.99
CA ARG A 150 -13.80 14.97 7.54
C ARG A 150 -14.09 16.13 6.57
N VAL A 151 -14.29 15.82 5.29
CA VAL A 151 -14.67 16.86 4.35
C VAL A 151 -16.15 17.11 4.49
N LYS A 152 -16.47 18.19 5.18
CA LYS A 152 -17.85 18.51 5.44
C LYS A 152 -18.54 19.13 4.22
N ARG A 153 -17.84 20.03 3.52
CA ARG A 153 -18.49 20.85 2.47
C ARG A 153 -17.59 21.29 1.30
N VAL A 154 -18.17 21.31 0.11
CA VAL A 154 -17.47 21.83 -1.07
C VAL A 154 -18.10 23.15 -1.49
N LEU A 155 -17.34 24.24 -1.40
CA LEU A 155 -17.89 25.58 -1.64
C LEU A 155 -17.29 26.29 -2.84
N PRO A 156 -18.13 27.08 -3.53
CA PRO A 156 -17.66 27.94 -4.61
C PRO A 156 -16.81 29.05 -4.00
N ILE A 157 -15.81 29.52 -4.75
CA ILE A 157 -14.86 30.49 -4.24
C ILE A 157 -14.29 31.31 -5.39
N ASP A 158 -14.06 32.61 -5.15
CA ASP A 158 -13.29 33.44 -6.06
C ASP A 158 -12.25 34.24 -5.28
N VAL A 159 -10.97 33.90 -5.46
CA VAL A 159 -9.91 34.52 -4.66
C VAL A 159 -9.69 36.00 -5.00
N HIS A 160 -10.27 36.44 -6.11
CA HIS A 160 -10.15 37.84 -6.46
C HIS A 160 -11.06 38.71 -5.59
N GLN A 161 -12.14 38.11 -5.07
CA GLN A 161 -12.97 38.80 -4.08
C GLN A 161 -12.23 38.97 -2.76
N PRO A 162 -12.45 40.10 -2.07
CA PRO A 162 -11.85 40.42 -0.76
C PRO A 162 -12.47 39.62 0.37
N GLN A 163 -13.67 39.08 0.19
CA GLN A 163 -14.17 38.00 1.03
C GLN A 163 -14.50 36.83 0.10
N PRO A 164 -13.49 36.02 -0.21
CA PRO A 164 -13.50 35.15 -1.39
C PRO A 164 -14.56 34.09 -1.32
N LEU A 165 -15.08 33.86 -0.12
CA LEU A 165 -16.12 32.86 0.07
C LEU A 165 -17.50 33.44 -0.02
N GLY A 166 -17.60 34.76 0.07
CA GLY A 166 -18.88 35.42 0.14
C GLY A 166 -19.13 35.95 1.54
N ALA A 167 -20.39 36.27 1.83
CA ALA A 167 -20.74 36.86 3.12
C ALA A 167 -21.06 35.79 4.16
N GLY A 168 -22.25 35.21 4.07
CA GLY A 168 -22.71 34.21 5.01
C GLY A 168 -22.38 32.81 4.53
N SER A 169 -21.09 32.48 4.59
CA SER A 169 -20.60 31.16 4.19
C SER A 169 -20.73 30.18 5.34
N PRO A 170 -21.08 28.92 5.02
CA PRO A 170 -21.27 27.87 6.03
C PRO A 170 -19.94 27.54 6.70
N ALA A 171 -18.87 28.13 6.19
CA ALA A 171 -17.51 27.78 6.59
C ALA A 171 -17.09 28.43 7.89
N PRO A 172 -16.84 27.63 8.91
CA PRO A 172 -16.49 28.16 10.23
C PRO A 172 -15.25 29.02 10.13
N LEU A 173 -15.40 30.32 10.31
CA LEU A 173 -14.26 31.21 10.23
C LEU A 173 -13.97 31.83 11.60
N PRO A 174 -12.69 32.12 11.87
CA PRO A 174 -11.60 31.93 10.89
C PRO A 174 -11.02 30.52 11.00
N ALA A 175 -10.64 29.98 9.84
CA ALA A 175 -9.99 28.67 9.73
C ALA A 175 -8.71 28.62 10.55
N ASP A 176 -8.40 27.45 11.11
CA ASP A 176 -7.15 27.28 11.84
C ASP A 176 -5.97 27.09 10.90
N ALA A 177 -6.27 26.84 9.62
CA ALA A 177 -5.21 26.64 8.63
C ALA A 177 -5.74 26.60 7.19
N LEU A 178 -4.87 26.97 6.25
CA LEU A 178 -5.20 26.96 4.84
C LEU A 178 -4.27 26.07 4.02
N VAL A 179 -4.84 25.32 3.09
CA VAL A 179 -4.02 24.63 2.09
C VAL A 179 -4.38 25.07 0.66
N SER A 180 -3.39 25.30 -0.19
CA SER A 180 -3.67 25.64 -1.57
C SER A 180 -2.57 25.23 -2.54
N ALA A 181 -2.98 24.49 -3.57
CA ALA A 181 -2.03 24.01 -4.59
C ALA A 181 -2.33 24.41 -6.05
N PHE A 182 -1.38 25.05 -6.71
CA PHE A 182 -1.52 25.39 -8.14
C PHE A 182 -2.76 26.27 -8.47
N CYS A 183 -3.16 27.13 -7.54
CA CYS A 183 -4.29 28.01 -7.75
C CYS A 183 -3.89 29.49 -7.98
N LEU A 184 -3.54 30.20 -6.91
CA LEU A 184 -3.18 31.61 -7.02
C LEU A 184 -2.46 31.96 -8.30
N GLU A 185 -1.25 31.45 -8.46
CA GLU A 185 -0.46 31.81 -9.62
C GLU A 185 -1.15 31.39 -10.93
N ALA A 186 -2.18 30.56 -10.82
CA ALA A 186 -2.86 30.12 -12.02
C ALA A 186 -4.19 30.82 -12.25
N VAL A 187 -4.61 31.70 -11.35
CA VAL A 187 -5.81 32.50 -11.59
C VAL A 187 -5.49 34.00 -11.75
N SER A 188 -4.21 34.33 -11.72
CA SER A 188 -3.77 35.70 -11.68
C SER A 188 -3.01 36.07 -12.93
N PRO A 189 -3.43 37.15 -13.59
CA PRO A 189 -2.80 37.67 -14.82
C PRO A 189 -1.40 38.25 -14.60
N ASP A 190 -1.05 38.57 -13.35
CA ASP A 190 0.27 39.13 -13.09
C ASP A 190 0.68 39.04 -11.65
N LEU A 191 1.91 39.48 -11.38
CA LEU A 191 2.48 39.41 -10.05
C LEU A 191 1.63 40.11 -8.94
N ALA A 192 1.22 41.36 -9.19
CA ALA A 192 0.42 42.11 -8.23
C ALA A 192 -0.93 41.43 -7.98
N SER A 193 -1.55 40.95 -9.06
CA SER A 193 -2.83 40.25 -8.99
C SER A 193 -2.70 39.04 -8.06
N PHE A 194 -1.61 38.29 -8.27
CA PHE A 194 -1.27 37.14 -7.45
C PHE A 194 -1.17 37.63 -6.01
N GLN A 195 -0.53 38.78 -5.85
CA GLN A 195 -0.26 39.31 -4.51
C GLN A 195 -1.53 39.72 -3.80
N ARG A 196 -2.50 40.23 -4.54
CA ARG A 196 -3.73 40.60 -3.89
C ARG A 196 -4.50 39.38 -3.45
N ALA A 197 -4.67 38.44 -4.37
CA ALA A 197 -5.29 37.15 -4.06
C ALA A 197 -4.75 36.56 -2.76
N LEU A 198 -3.43 36.63 -2.58
CA LEU A 198 -2.85 36.09 -1.35
C LEU A 198 -3.34 36.84 -0.10
N ASP A 199 -3.39 38.17 -0.20
CA ASP A 199 -3.98 38.96 0.86
C ASP A 199 -5.39 38.48 1.12
N HIS A 200 -6.16 38.31 0.05
CA HIS A 200 -7.56 37.92 0.16
C HIS A 200 -7.76 36.63 0.99
N ILE A 201 -7.14 35.54 0.57
CA ILE A 201 -7.29 34.29 1.27
C ILE A 201 -6.74 34.42 2.68
N THR A 202 -5.63 35.13 2.85
CA THR A 202 -5.01 35.27 4.17
C THR A 202 -6.04 35.77 5.19
N THR A 203 -7.04 36.49 4.69
CA THR A 203 -8.15 36.99 5.49
C THR A 203 -8.94 35.90 6.19
N LEU A 204 -8.99 34.71 5.57
CA LEU A 204 -9.74 33.57 6.08
C LEU A 204 -9.01 32.86 7.19
N LEU A 205 -7.72 33.16 7.34
CA LEU A 205 -6.87 32.41 8.24
C LEU A 205 -6.67 33.11 9.59
N ARG A 206 -7.24 32.51 10.63
CA ARG A 206 -7.01 32.94 12.01
C ARG A 206 -5.55 33.25 12.24
N PRO A 207 -5.27 34.35 12.96
CA PRO A 207 -3.90 34.76 13.32
C PRO A 207 -3.19 33.73 14.21
N GLY A 208 -1.95 33.42 13.86
CA GLY A 208 -1.20 32.36 14.51
C GLY A 208 -1.39 31.08 13.73
N GLY A 209 -2.33 31.11 12.79
CA GLY A 209 -2.66 29.95 11.98
C GLY A 209 -1.66 29.64 10.87
N HIS A 210 -1.92 28.58 10.12
CA HIS A 210 -0.95 28.06 9.17
C HIS A 210 -1.40 27.93 7.73
N LEU A 211 -0.52 28.30 6.81
CA LEU A 211 -0.81 28.16 5.38
C LEU A 211 0.22 27.25 4.72
N LEU A 212 -0.27 26.25 4.01
CA LEU A 212 0.60 25.38 3.24
C LEU A 212 0.28 25.63 1.78
N LEU A 213 1.25 26.18 1.07
CA LEU A 213 1.04 26.68 -0.28
C LEU A 213 1.94 25.92 -1.23
N ILE A 214 1.33 25.36 -2.26
CA ILE A 214 2.04 24.63 -3.30
C ILE A 214 1.71 25.24 -4.66
N GLY A 215 2.74 25.49 -5.45
CA GLY A 215 2.49 26.02 -6.77
C GLY A 215 3.56 25.76 -7.78
N ALA A 216 3.32 26.20 -9.01
CA ALA A 216 4.26 26.03 -10.10
C ALA A 216 5.26 27.19 -10.07
N LEU A 217 6.47 26.96 -10.60
CA LEU A 217 7.50 27.99 -10.63
C LEU A 217 7.81 28.34 -12.07
N GLU A 218 7.76 29.62 -12.39
CA GLU A 218 8.07 30.07 -13.72
C GLU A 218 7.28 29.29 -14.73
N GLU A 219 6.03 28.98 -14.41
CA GLU A 219 5.09 28.42 -15.39
C GLU A 219 4.30 29.57 -16.01
N SER A 220 3.97 29.47 -17.29
CA SER A 220 3.25 30.57 -17.91
C SER A 220 1.97 30.20 -18.65
N TRP A 221 1.83 28.91 -18.92
CA TRP A 221 0.57 28.40 -19.45
C TRP A 221 0.47 26.93 -19.13
N TYR A 222 -0.73 26.37 -19.22
CA TYR A 222 -0.90 24.91 -19.08
C TYR A 222 -2.27 24.52 -19.61
N LEU A 223 -2.37 23.36 -20.23
CA LEU A 223 -3.61 22.99 -20.91
C LEU A 223 -4.51 22.18 -20.00
N ALA A 224 -5.77 22.08 -20.39
CA ALA A 224 -6.79 21.35 -19.66
C ALA A 224 -7.94 21.06 -20.61
N GLY A 225 -7.62 20.44 -21.75
CA GLY A 225 -8.62 20.10 -22.74
C GLY A 225 -8.59 21.19 -23.79
N GLU A 226 -9.76 21.77 -24.07
CA GLU A 226 -9.87 22.90 -25.00
C GLU A 226 -9.31 24.18 -24.36
N ALA A 227 -9.50 24.31 -23.06
CA ALA A 227 -9.06 25.49 -22.34
C ALA A 227 -7.53 25.62 -22.29
N ARG A 228 -7.02 26.74 -22.75
CA ARG A 228 -5.60 27.02 -22.66
C ARG A 228 -5.39 28.17 -21.69
N LEU A 229 -4.98 27.82 -20.46
CA LEU A 229 -4.89 28.78 -19.37
C LEU A 229 -3.57 29.48 -19.30
N THR A 230 -3.61 30.76 -18.92
CA THR A 230 -2.42 31.55 -18.72
C THR A 230 -2.04 31.60 -17.25
N VAL A 231 -0.75 31.61 -17.00
CA VAL A 231 -0.21 31.55 -15.66
C VAL A 231 0.80 32.67 -15.48
N VAL A 232 0.90 33.20 -14.27
CA VAL A 232 1.98 34.14 -13.99
C VAL A 232 3.21 33.39 -13.50
N PRO A 233 4.25 33.40 -14.33
CA PRO A 233 5.51 32.72 -13.99
C PRO A 233 6.12 33.39 -12.77
N VAL A 234 5.89 32.81 -11.58
CA VAL A 234 6.56 33.33 -10.39
C VAL A 234 7.87 32.62 -10.10
N SER A 235 8.57 33.05 -9.04
CA SER A 235 9.87 32.48 -8.72
C SER A 235 9.89 32.27 -7.23
N GLU A 236 10.84 31.47 -6.75
CA GLU A 236 10.95 31.23 -5.31
C GLU A 236 11.00 32.54 -4.51
N GLU A 237 11.90 33.45 -4.89
CA GLU A 237 12.07 34.73 -4.21
C GLU A 237 10.81 35.55 -4.26
N GLU A 238 10.20 35.65 -5.44
CA GLU A 238 8.94 36.37 -5.55
C GLU A 238 7.92 35.79 -4.57
N VAL A 239 7.74 34.48 -4.58
CA VAL A 239 6.82 33.82 -3.66
C VAL A 239 7.12 34.12 -2.19
N ARG A 240 8.40 34.13 -1.83
CA ARG A 240 8.73 34.42 -0.44
C ARG A 240 8.32 35.86 -0.09
N GLU A 241 8.89 36.83 -0.80
CA GLU A 241 8.57 38.21 -0.58
C GLU A 241 7.06 38.33 -0.46
N ALA A 242 6.35 37.68 -1.37
CA ALA A 242 4.90 37.78 -1.41
C ALA A 242 4.26 37.32 -0.11
N LEU A 243 4.74 36.20 0.42
CA LEU A 243 4.23 35.67 1.68
C LEU A 243 4.51 36.65 2.83
N VAL A 244 5.71 37.23 2.83
CA VAL A 244 6.01 38.24 3.83
C VAL A 244 5.08 39.48 3.70
N ARG A 245 5.02 40.04 2.50
CA ARG A 245 4.18 41.22 2.30
C ARG A 245 2.78 40.97 2.87
N SER A 246 2.26 39.76 2.69
CA SER A 246 0.88 39.48 3.08
C SER A 246 0.74 39.19 4.58
N GLY A 247 1.84 39.25 5.32
CA GLY A 247 1.77 39.14 6.75
C GLY A 247 2.25 37.84 7.32
N TYR A 248 2.95 37.05 6.51
CA TYR A 248 3.39 35.71 6.92
C TYR A 248 4.83 35.63 7.46
N LYS A 249 5.05 34.69 8.38
CA LYS A 249 6.41 34.26 8.72
C LYS A 249 6.71 32.95 8.00
N VAL A 250 7.73 32.93 7.13
CA VAL A 250 8.01 31.75 6.33
C VAL A 250 8.82 30.75 7.13
N ARG A 251 8.19 29.63 7.47
CA ARG A 251 8.85 28.58 8.24
C ARG A 251 9.64 27.59 7.34
N ASP A 252 9.20 27.46 6.10
CA ASP A 252 9.84 26.58 5.15
C ASP A 252 9.41 26.88 3.73
N LEU A 253 10.38 26.93 2.83
CA LEU A 253 10.13 27.10 1.42
C LEU A 253 11.08 26.15 0.68
N ARG A 254 10.51 25.27 -0.14
CA ARG A 254 11.32 24.23 -0.80
C ARG A 254 11.04 24.15 -2.29
N THR A 255 12.04 23.74 -3.05
CA THR A 255 11.89 23.77 -4.48
C THR A 255 12.17 22.44 -5.15
N TYR A 256 11.25 22.06 -6.01
CA TYR A 256 11.42 20.87 -6.81
C TYR A 256 11.62 21.31 -8.25
N ILE A 257 12.76 20.91 -8.83
CA ILE A 257 13.02 21.15 -10.25
C ILE A 257 12.48 20.05 -11.16
N MET A 258 11.62 20.41 -12.10
CA MET A 258 10.99 19.41 -12.96
C MET A 258 12.05 18.66 -13.78
N PRO A 259 12.02 17.33 -13.76
CA PRO A 259 12.97 16.56 -14.56
C PRO A 259 12.49 16.46 -16.00
N ALA A 260 13.45 16.33 -16.91
CA ALA A 260 13.10 16.17 -18.32
C ALA A 260 11.87 15.29 -18.54
N HIS A 261 11.86 14.11 -17.95
CA HIS A 261 10.88 13.10 -18.37
C HIS A 261 9.51 13.37 -17.77
N LEU A 262 9.40 14.46 -17.02
CA LEU A 262 8.09 14.90 -16.56
C LEU A 262 7.63 16.17 -17.28
N GLN A 263 8.44 16.62 -18.25
CA GLN A 263 8.04 17.66 -19.19
C GLN A 263 7.25 17.05 -20.34
N THR A 264 5.96 17.34 -20.41
CA THR A 264 5.10 16.58 -21.29
C THR A 264 4.35 17.42 -22.34
N GLY A 265 4.59 18.73 -22.37
CA GLY A 265 3.82 19.56 -23.29
C GLY A 265 2.34 19.75 -22.94
N VAL A 266 1.98 19.52 -21.68
CA VAL A 266 0.70 19.99 -21.18
C VAL A 266 0.99 21.29 -20.49
N ASP A 267 2.25 21.68 -20.48
CA ASP A 267 2.64 22.92 -19.85
C ASP A 267 4.10 23.23 -20.10
N ASP A 268 4.58 24.23 -19.38
CA ASP A 268 5.95 24.71 -19.60
C ASP A 268 6.51 25.08 -18.25
N VAL A 269 5.87 24.54 -17.20
CA VAL A 269 6.40 24.62 -15.82
C VAL A 269 7.85 24.13 -15.71
N LYS A 270 8.64 24.80 -14.88
CA LYS A 270 10.08 24.53 -14.76
C LYS A 270 10.39 23.87 -13.42
N GLY A 271 9.53 24.13 -12.45
CA GLY A 271 9.76 23.64 -11.10
C GLY A 271 8.46 23.73 -10.31
N VAL A 272 8.45 23.16 -9.11
CA VAL A 272 7.30 23.26 -8.23
C VAL A 272 7.80 23.68 -6.88
N PHE A 273 7.05 24.54 -6.19
CA PHE A 273 7.54 25.06 -4.93
C PHE A 273 6.55 24.70 -3.89
N PHE A 274 7.02 24.66 -2.66
CA PHE A 274 6.15 24.35 -1.51
C PHE A 274 6.54 25.26 -0.36
N ALA A 275 5.54 25.82 0.31
CA ALA A 275 5.82 26.81 1.35
C ALA A 275 4.93 26.65 2.55
N TRP A 276 5.55 26.79 3.71
CA TRP A 276 4.85 26.64 4.96
C TRP A 276 4.98 27.97 5.66
N ALA A 277 3.85 28.65 5.77
CA ALA A 277 3.90 30.02 6.24
C ALA A 277 2.86 30.21 7.35
N GLN A 278 3.29 30.92 8.40
CA GLN A 278 2.51 31.18 9.61
C GLN A 278 2.19 32.66 9.74
N LYS A 279 0.89 32.97 9.72
CA LYS A 279 0.37 34.33 9.86
C LYS A 279 0.68 34.84 11.26
N VAL A 280 1.28 36.02 11.33
CA VAL A 280 1.75 36.53 12.61
C VAL A 280 1.10 37.87 12.96
N PRO B 14 4.08 -47.74 12.27
CA PRO B 14 3.19 -48.52 11.40
C PRO B 14 3.32 -48.19 9.92
N ASP B 15 2.20 -48.25 9.22
CA ASP B 15 2.18 -48.03 7.79
C ASP B 15 1.85 -46.56 7.54
N SER B 16 2.60 -45.96 6.62
CA SER B 16 2.38 -44.57 6.26
C SER B 16 1.31 -44.44 5.17
N ALA B 17 1.49 -45.22 4.12
CA ALA B 17 0.64 -45.15 2.92
C ALA B 17 -0.85 -44.78 3.16
N PRO B 18 -1.54 -45.55 4.03
CA PRO B 18 -2.99 -45.33 4.13
C PRO B 18 -3.36 -43.88 4.43
N GLY B 19 -2.88 -43.35 5.54
CA GLY B 19 -3.07 -41.93 5.82
C GLY B 19 -2.74 -41.07 4.62
N GLN B 20 -1.47 -41.11 4.20
CA GLN B 20 -1.06 -40.42 2.98
C GLN B 20 -2.17 -40.45 1.91
N ALA B 21 -2.58 -41.66 1.53
CA ALA B 21 -3.52 -41.83 0.43
C ALA B 21 -4.87 -41.19 0.72
N ALA B 22 -5.25 -41.18 1.99
CA ALA B 22 -6.50 -40.54 2.39
C ALA B 22 -6.43 -39.05 2.04
N VAL B 23 -5.36 -38.40 2.54
CA VAL B 23 -4.99 -37.02 2.19
C VAL B 23 -5.05 -36.76 0.70
N ALA B 24 -4.22 -37.46 -0.05
CA ALA B 24 -4.23 -37.29 -1.50
C ALA B 24 -5.66 -37.32 -2.01
N SER B 25 -6.42 -38.31 -1.55
CA SER B 25 -7.80 -38.44 -1.96
C SER B 25 -8.53 -37.12 -1.75
N ALA B 26 -8.55 -36.65 -0.50
CA ALA B 26 -9.25 -35.41 -0.13
C ALA B 26 -8.90 -34.18 -1.00
N TYR B 27 -7.63 -33.96 -1.29
CA TYR B 27 -7.22 -32.78 -2.03
C TYR B 27 -7.64 -32.81 -3.50
N GLN B 28 -8.08 -33.97 -3.97
CA GLN B 28 -8.59 -34.06 -5.33
C GLN B 28 -9.93 -33.35 -5.41
N ARG B 29 -10.38 -32.79 -4.30
CA ARG B 29 -11.62 -32.00 -4.28
C ARG B 29 -11.40 -30.53 -3.92
N PHE B 30 -10.15 -30.18 -3.57
CA PHE B 30 -9.70 -28.82 -3.25
C PHE B 30 -9.99 -27.88 -4.40
N GLU B 31 -10.66 -26.76 -4.11
CA GLU B 31 -10.91 -25.68 -5.09
C GLU B 31 -10.18 -24.37 -4.73
N PRO B 32 -9.06 -24.08 -5.42
CA PRO B 32 -8.23 -22.92 -5.12
C PRO B 32 -9.07 -21.65 -4.91
N ARG B 33 -9.99 -21.39 -5.82
CA ARG B 33 -10.89 -20.25 -5.69
C ARG B 33 -11.51 -20.18 -4.30
N ALA B 34 -12.20 -21.24 -3.92
CA ALA B 34 -12.88 -21.29 -2.62
C ALA B 34 -11.88 -21.08 -1.50
N TYR B 35 -10.70 -21.70 -1.61
CA TYR B 35 -9.68 -21.56 -0.58
C TYR B 35 -9.29 -20.10 -0.45
N LEU B 36 -9.02 -19.47 -1.60
CA LEU B 36 -8.64 -18.07 -1.67
C LEU B 36 -9.70 -17.11 -1.08
N ARG B 37 -10.94 -17.30 -1.47
CA ARG B 37 -12.03 -16.52 -0.88
C ARG B 37 -12.04 -16.69 0.65
N ASN B 38 -11.93 -17.93 1.10
CA ASN B 38 -12.16 -18.23 2.49
C ASN B 38 -11.15 -17.59 3.38
N ASN B 39 -9.95 -17.40 2.83
CA ASN B 39 -8.77 -17.15 3.66
C ASN B 39 -7.99 -15.86 3.35
N TYR B 40 -8.19 -15.38 2.14
CA TYR B 40 -7.44 -14.27 1.67
C TYR B 40 -8.34 -13.16 1.09
N ALA B 41 -9.63 -13.26 1.38
CA ALA B 41 -10.57 -12.16 1.17
C ALA B 41 -11.13 -11.77 2.52
N PRO B 42 -11.72 -10.58 2.63
CA PRO B 42 -12.33 -10.19 3.92
C PRO B 42 -13.26 -11.26 4.44
N PRO B 43 -13.39 -11.37 5.77
CA PRO B 43 -12.76 -10.59 6.83
C PRO B 43 -11.26 -10.84 6.99
N ARG B 44 -10.81 -12.06 6.76
CA ARG B 44 -9.41 -12.38 6.96
C ARG B 44 -8.54 -11.57 6.03
N GLY B 45 -9.09 -11.29 4.85
CA GLY B 45 -8.36 -10.62 3.79
C GLY B 45 -8.28 -9.12 4.01
N ASP B 46 -9.00 -8.63 5.03
CA ASP B 46 -8.96 -7.22 5.38
C ASP B 46 -7.67 -6.89 6.10
N LEU B 47 -6.75 -6.28 5.38
CA LEU B 47 -5.47 -5.97 5.98
C LEU B 47 -5.52 -4.68 6.77
N CYS B 48 -6.70 -4.07 6.85
CA CYS B 48 -6.81 -2.76 7.46
C CYS B 48 -6.55 -2.81 8.96
N ASN B 49 -7.21 -3.72 9.67
CA ASN B 49 -6.99 -3.83 11.11
C ASN B 49 -5.65 -4.48 11.37
N PRO B 50 -4.77 -3.80 12.10
CA PRO B 50 -3.42 -4.36 12.27
C PRO B 50 -3.44 -5.57 13.21
N ASN B 51 -4.55 -5.80 13.90
CA ASN B 51 -4.67 -6.94 14.81
C ASN B 51 -4.96 -8.21 14.05
N GLY B 52 -5.57 -8.08 12.88
CA GLY B 52 -5.87 -9.24 12.06
C GLY B 52 -4.66 -10.11 11.77
N VAL B 53 -4.97 -11.26 11.16
CA VAL B 53 -4.00 -12.33 11.00
C VAL B 53 -3.13 -12.07 9.78
N GLY B 54 -3.69 -11.49 8.72
CA GLY B 54 -2.88 -11.15 7.57
C GLY B 54 -1.72 -10.21 7.96
N PRO B 55 -2.04 -9.11 8.62
CA PRO B 55 -0.95 -8.23 9.04
C PRO B 55 0.09 -8.98 9.84
N TRP B 56 -0.39 -9.78 10.80
CA TRP B 56 0.51 -10.45 11.71
C TRP B 56 1.46 -11.36 10.92
N LYS B 57 0.92 -12.16 9.99
CA LYS B 57 1.80 -13.00 9.19
C LYS B 57 2.86 -12.20 8.43
N LEU B 58 2.40 -11.22 7.65
CA LEU B 58 3.30 -10.35 6.89
C LEU B 58 4.36 -9.70 7.76
N ARG B 59 3.95 -9.31 8.97
CA ARG B 59 4.83 -8.68 9.91
C ARG B 59 5.91 -9.67 10.37
N CYS B 60 5.54 -10.94 10.56
CA CYS B 60 6.53 -11.95 10.97
C CYS B 60 7.56 -12.14 9.88
N LEU B 61 7.09 -12.32 8.65
CA LEU B 61 8.06 -12.55 7.60
C LEU B 61 8.99 -11.34 7.45
N ALA B 62 8.39 -10.15 7.37
CA ALA B 62 9.18 -8.95 7.07
C ALA B 62 10.19 -8.65 8.18
N GLN B 63 9.76 -8.73 9.45
CA GLN B 63 10.65 -8.45 10.58
C GLN B 63 11.81 -9.42 10.53
N THR B 64 11.57 -10.59 9.99
CA THR B 64 12.53 -11.66 10.08
C THR B 64 13.57 -11.44 8.99
N PHE B 65 13.10 -11.22 7.77
CA PHE B 65 14.01 -10.94 6.67
C PHE B 65 14.74 -9.62 6.90
N ALA B 66 14.18 -8.78 7.76
CA ALA B 66 14.76 -7.47 8.02
C ALA B 66 16.02 -7.55 8.89
N THR B 67 16.15 -8.60 9.68
CA THR B 67 17.37 -8.75 10.46
C THR B 67 18.55 -8.92 9.50
N GLY B 68 18.23 -9.18 8.24
CA GLY B 68 19.23 -9.45 7.23
C GLY B 68 20.00 -10.74 7.42
N GLU B 69 19.63 -11.54 8.42
CA GLU B 69 20.35 -12.79 8.70
C GLU B 69 19.86 -13.95 7.83
N VAL B 70 18.80 -13.69 7.07
CA VAL B 70 18.26 -14.68 6.17
C VAL B 70 18.37 -14.19 4.74
N SER B 71 19.44 -14.61 4.07
CA SER B 71 19.64 -14.26 2.68
C SER B 71 20.42 -15.37 1.95
N GLY B 72 20.56 -15.20 0.64
CA GLY B 72 21.31 -16.15 -0.16
C GLY B 72 20.87 -16.18 -1.61
N ARG B 73 21.40 -17.11 -2.37
CA ARG B 73 21.01 -17.19 -3.76
C ARG B 73 19.62 -17.82 -3.92
N THR B 74 19.38 -18.98 -3.32
CA THR B 74 18.14 -19.77 -3.59
C THR B 74 17.12 -19.98 -2.42
N LEU B 75 15.83 -19.91 -2.76
CA LEU B 75 14.77 -20.19 -1.81
C LEU B 75 13.71 -21.10 -2.43
N ILE B 76 13.11 -21.95 -1.57
CA ILE B 76 12.06 -22.84 -2.03
C ILE B 76 10.84 -22.70 -1.13
N ASP B 77 9.70 -22.54 -1.77
CA ASP B 77 8.46 -22.37 -1.04
C ASP B 77 7.73 -23.73 -0.98
N ILE B 78 7.51 -24.26 0.23
CA ILE B 78 6.98 -25.61 0.42
C ILE B 78 5.47 -25.66 0.52
N GLY B 79 4.84 -26.12 -0.56
CA GLY B 79 3.39 -26.19 -0.59
C GLY B 79 2.78 -24.79 -0.70
N SER B 80 3.16 -24.07 -1.75
CA SER B 80 2.70 -22.70 -1.99
C SER B 80 1.20 -22.73 -2.07
N GLY B 81 0.67 -23.74 -2.74
CA GLY B 81 -0.75 -23.69 -3.05
C GLY B 81 -0.94 -22.46 -3.94
N PRO B 82 -2.14 -21.87 -3.92
CA PRO B 82 -2.39 -20.78 -4.84
C PRO B 82 -2.06 -19.44 -4.20
N THR B 83 -0.97 -19.33 -3.47
CA THR B 83 -0.70 -18.07 -2.78
C THR B 83 0.73 -17.61 -2.99
N VAL B 84 0.93 -16.29 -2.83
CA VAL B 84 2.23 -15.69 -3.03
C VAL B 84 2.68 -14.86 -1.86
N TYR B 85 1.73 -14.47 -1.04
CA TYR B 85 1.98 -13.51 0.02
C TYR B 85 3.13 -13.94 0.87
N GLN B 86 3.27 -15.25 1.09
CA GLN B 86 4.36 -15.78 1.92
C GLN B 86 5.73 -15.42 1.35
N LEU B 87 5.74 -14.88 0.13
CA LEU B 87 7.00 -14.60 -0.57
C LEU B 87 7.31 -13.11 -0.75
N LEU B 88 6.37 -12.24 -0.35
CA LEU B 88 6.49 -10.82 -0.71
C LEU B 88 7.77 -10.18 -0.12
N SER B 89 7.92 -10.28 1.22
CA SER B 89 9.07 -9.70 1.88
C SER B 89 10.29 -10.53 1.57
N ALA B 90 10.06 -11.71 1.02
CA ALA B 90 11.13 -12.67 0.86
C ALA B 90 11.85 -12.49 -0.47
N CYS B 91 11.22 -11.84 -1.44
CA CYS B 91 11.82 -11.86 -2.78
C CYS B 91 12.91 -10.82 -2.93
N SER B 92 12.88 -9.78 -2.12
CA SER B 92 13.97 -8.83 -2.14
C SER B 92 15.28 -9.45 -1.64
N HIS B 93 15.27 -10.70 -1.21
CA HIS B 93 16.47 -11.30 -0.62
C HIS B 93 16.99 -12.56 -1.31
N PHE B 94 16.27 -13.07 -2.32
CA PHE B 94 16.70 -14.30 -2.99
C PHE B 94 16.64 -14.24 -4.51
N GLU B 95 17.78 -14.33 -5.18
CA GLU B 95 17.83 -14.27 -6.62
C GLU B 95 16.93 -15.34 -7.24
N ASP B 96 16.90 -16.53 -6.65
CA ASP B 96 16.17 -17.66 -7.24
C ASP B 96 15.13 -18.23 -6.29
N ILE B 97 13.88 -18.22 -6.71
CA ILE B 97 12.79 -18.72 -5.88
C ILE B 97 12.04 -19.86 -6.58
N THR B 98 11.93 -21.00 -5.92
CA THR B 98 11.15 -22.08 -6.47
C THR B 98 9.85 -22.17 -5.71
N MET B 99 8.74 -22.26 -6.43
CA MET B 99 7.44 -22.52 -5.82
C MET B 99 7.03 -23.96 -6.08
N THR B 100 6.11 -24.48 -5.28
CA THR B 100 5.76 -25.89 -5.37
C THR B 100 4.35 -26.11 -4.87
N ASP B 101 3.64 -27.01 -5.51
CA ASP B 101 2.45 -27.57 -4.89
C ASP B 101 2.10 -28.97 -5.42
N PHE B 102 1.28 -29.65 -4.64
CA PHE B 102 0.92 -31.01 -4.91
C PHE B 102 -0.10 -31.06 -6.06
N LEU B 103 -1.13 -30.23 -5.95
CA LEU B 103 -2.19 -30.18 -6.95
C LEU B 103 -1.76 -29.36 -8.16
N GLU B 104 -2.27 -29.71 -9.34
CA GLU B 104 -1.92 -28.95 -10.52
C GLU B 104 -2.77 -27.69 -10.62
N VAL B 105 -4.06 -27.84 -10.39
CA VAL B 105 -4.97 -26.69 -10.39
C VAL B 105 -4.35 -25.51 -9.65
N ASN B 106 -3.78 -25.75 -8.48
CA ASN B 106 -2.98 -24.74 -7.79
C ASN B 106 -1.76 -24.27 -8.58
N ARG B 107 -0.97 -25.22 -9.05
CA ARG B 107 0.17 -24.82 -9.86
C ARG B 107 -0.30 -23.91 -11.01
N GLN B 108 -1.40 -24.27 -11.67
CA GLN B 108 -2.00 -23.43 -12.72
C GLN B 108 -2.40 -22.03 -12.25
N GLU B 109 -3.07 -21.96 -11.10
CA GLU B 109 -3.49 -20.70 -10.53
C GLU B 109 -2.30 -19.77 -10.31
N LEU B 110 -1.16 -20.29 -9.87
CA LEU B 110 0.05 -19.45 -9.80
C LEU B 110 0.49 -19.02 -11.21
N GLY B 111 0.37 -19.92 -12.16
CA GLY B 111 0.70 -19.62 -13.54
C GLY B 111 -0.09 -18.42 -13.99
N ARG B 112 -1.34 -18.34 -13.53
CA ARG B 112 -2.20 -17.21 -13.88
C ARG B 112 -1.63 -15.94 -13.29
N TRP B 113 -1.26 -15.98 -12.03
CA TRP B 113 -0.72 -14.76 -11.46
C TRP B 113 0.59 -14.32 -12.09
N LEU B 114 1.43 -15.28 -12.46
CA LEU B 114 2.70 -14.95 -13.08
C LEU B 114 2.51 -14.20 -14.41
N GLN B 115 1.56 -14.69 -15.20
CA GLN B 115 1.25 -14.12 -16.51
C GLN B 115 0.48 -12.76 -16.38
N GLU B 116 0.28 -12.33 -15.15
CA GLU B 116 -0.43 -11.09 -14.90
C GLU B 116 -1.74 -11.08 -15.66
N GLU B 117 -2.35 -12.26 -15.79
CA GLU B 117 -3.68 -12.37 -16.36
C GLU B 117 -4.74 -11.80 -15.43
N PRO B 118 -5.82 -11.26 -15.99
CA PRO B 118 -6.87 -10.61 -15.21
C PRO B 118 -7.73 -11.63 -14.51
N GLY B 119 -7.99 -12.76 -15.16
CA GLY B 119 -8.68 -13.85 -14.49
C GLY B 119 -8.08 -14.20 -13.11
N ALA B 120 -6.79 -13.90 -12.93
CA ALA B 120 -6.05 -14.24 -11.71
C ALA B 120 -6.61 -13.61 -10.44
N PHE B 121 -6.03 -14.02 -9.33
CA PHE B 121 -6.38 -13.50 -8.04
C PHE B 121 -5.64 -12.18 -7.88
N ASN B 122 -6.21 -11.26 -7.11
CA ASN B 122 -5.60 -9.98 -6.88
C ASN B 122 -4.91 -9.90 -5.52
N TRP B 123 -3.59 -9.97 -5.54
CA TRP B 123 -2.79 -9.96 -4.32
C TRP B 123 -2.31 -8.58 -3.93
N SER B 124 -2.75 -7.56 -4.68
CA SER B 124 -2.19 -6.22 -4.53
C SER B 124 -2.32 -5.63 -3.12
N MET B 125 -3.43 -5.91 -2.42
CA MET B 125 -3.57 -5.47 -1.02
C MET B 125 -2.51 -6.05 -0.09
N TYR B 126 -2.13 -7.30 -0.35
CA TYR B 126 -1.05 -7.90 0.38
C TYR B 126 0.28 -7.28 -0.05
N SER B 127 0.49 -7.11 -1.36
CA SER B 127 1.69 -6.41 -1.86
C SER B 127 1.81 -5.00 -1.27
N GLN B 128 0.70 -4.27 -1.27
N GLN B 128 0.72 -4.24 -1.27
CA GLN B 128 0.67 -2.94 -0.68
CA GLN B 128 0.77 -2.92 -0.65
C GLN B 128 1.08 -3.00 0.79
C GLN B 128 1.12 -3.01 0.81
N HIS B 129 0.49 -3.93 1.53
CA HIS B 129 0.78 -4.05 2.95
C HIS B 129 2.22 -4.50 3.20
N ALA B 130 2.73 -5.41 2.40
CA ALA B 130 4.12 -5.80 2.60
C ALA B 130 5.04 -4.59 2.45
N CYS B 131 4.75 -3.77 1.43
CA CYS B 131 5.52 -2.56 1.13
C CYS B 131 5.39 -1.58 2.27
N LEU B 132 4.17 -1.48 2.78
CA LEU B 132 3.86 -0.55 3.84
C LEU B 132 4.62 -0.83 5.14
N ILE B 133 4.95 -2.09 5.41
CA ILE B 133 5.61 -2.43 6.67
C ILE B 133 7.10 -2.71 6.51
N GLU B 134 7.54 -2.88 5.27
CA GLU B 134 8.95 -3.03 5.01
C GLU B 134 9.60 -1.66 5.18
N GLY B 135 8.80 -0.62 4.90
CA GLY B 135 9.17 0.76 5.17
C GLY B 135 10.23 1.39 4.28
N LYS B 136 10.30 0.98 3.01
CA LYS B 136 11.33 1.51 2.12
C LYS B 136 10.62 2.33 1.05
N GLY B 137 9.42 2.77 1.37
CA GLY B 137 8.60 3.44 0.37
C GLY B 137 8.60 2.81 -1.01
N GLU B 138 8.55 1.48 -1.09
CA GLU B 138 8.47 0.77 -2.37
C GLU B 138 7.05 0.75 -2.87
N CYS B 139 6.88 0.79 -4.19
CA CYS B 139 5.52 0.74 -4.72
C CYS B 139 5.12 -0.73 -5.02
N TRP B 140 3.84 -1.03 -4.84
CA TRP B 140 3.44 -2.42 -4.86
C TRP B 140 3.62 -3.10 -6.20
N GLN B 141 3.43 -2.35 -7.28
CA GLN B 141 3.63 -2.91 -8.61
C GLN B 141 5.10 -3.25 -8.83
N ASP B 142 5.98 -2.49 -8.17
CA ASP B 142 7.41 -2.75 -8.28
C ASP B 142 7.65 -4.06 -7.56
N LYS B 143 6.97 -4.21 -6.42
CA LYS B 143 7.08 -5.39 -5.57
C LYS B 143 6.61 -6.63 -6.33
N GLU B 144 5.47 -6.50 -7.01
CA GLU B 144 4.91 -7.64 -7.74
C GLU B 144 5.73 -7.97 -8.95
N ARG B 145 6.57 -7.06 -9.38
CA ARG B 145 7.30 -7.28 -10.62
C ARG B 145 8.60 -7.98 -10.24
N GLN B 146 9.06 -7.68 -9.02
CA GLN B 146 10.25 -8.33 -8.51
C GLN B 146 9.91 -9.79 -8.24
N LEU B 147 8.71 -10.05 -7.76
CA LEU B 147 8.33 -11.40 -7.43
C LEU B 147 8.23 -12.29 -8.67
N ARG B 148 7.46 -11.83 -9.66
CA ARG B 148 7.26 -12.61 -10.88
C ARG B 148 8.61 -12.93 -11.57
N ALA B 149 9.58 -12.06 -11.30
CA ALA B 149 10.87 -12.17 -11.98
C ALA B 149 11.72 -13.24 -11.35
N ARG B 150 11.56 -13.37 -10.04
CA ARG B 150 12.45 -14.21 -9.25
C ARG B 150 11.92 -15.63 -9.05
N VAL B 151 10.62 -15.83 -9.25
CA VAL B 151 10.07 -17.16 -9.30
C VAL B 151 10.60 -17.78 -10.59
N LYS B 152 11.49 -18.76 -10.47
CA LYS B 152 12.17 -19.33 -11.63
C LYS B 152 11.53 -20.66 -12.09
N ARG B 153 10.56 -21.15 -11.34
CA ARG B 153 9.90 -22.38 -11.74
C ARG B 153 8.85 -22.77 -10.72
N VAL B 154 7.82 -23.48 -11.18
CA VAL B 154 6.74 -23.99 -10.33
C VAL B 154 6.65 -25.51 -10.42
N LEU B 155 7.03 -26.18 -9.33
CA LEU B 155 7.25 -27.64 -9.35
C LEU B 155 6.26 -28.42 -8.50
N PRO B 156 5.96 -29.64 -8.92
CA PRO B 156 5.17 -30.54 -8.10
C PRO B 156 5.99 -31.05 -6.91
N ILE B 157 5.31 -31.22 -5.76
CA ILE B 157 5.96 -31.64 -4.54
C ILE B 157 5.07 -32.53 -3.69
N ASP B 158 5.69 -33.52 -3.06
CA ASP B 158 5.00 -34.40 -2.12
C ASP B 158 5.85 -34.51 -0.86
N VAL B 159 5.44 -33.85 0.21
CA VAL B 159 6.28 -33.78 1.39
C VAL B 159 6.48 -35.17 1.96
N HIS B 160 5.62 -36.10 1.59
CA HIS B 160 5.66 -37.43 2.18
C HIS B 160 6.72 -38.33 1.58
N GLN B 161 6.99 -38.17 0.28
CA GLN B 161 8.14 -38.81 -0.33
C GLN B 161 9.41 -38.36 0.39
N PRO B 162 10.43 -39.24 0.51
CA PRO B 162 11.73 -38.93 1.12
C PRO B 162 12.54 -37.89 0.32
N GLN B 163 12.24 -37.79 -0.97
CA GLN B 163 12.76 -36.74 -1.84
C GLN B 163 11.54 -36.03 -2.36
N PRO B 164 11.14 -34.95 -1.68
CA PRO B 164 9.80 -34.40 -1.91
C PRO B 164 9.65 -33.87 -3.31
N LEU B 165 10.74 -33.66 -4.02
CA LEU B 165 10.67 -33.02 -5.32
C LEU B 165 10.76 -34.03 -6.46
N GLY B 166 11.19 -35.23 -6.13
CA GLY B 166 11.54 -36.21 -7.13
C GLY B 166 13.05 -36.25 -7.19
N ALA B 167 13.58 -37.00 -8.15
CA ALA B 167 15.03 -37.13 -8.27
C ALA B 167 15.51 -36.42 -9.52
N GLY B 168 16.73 -35.87 -9.44
CA GLY B 168 17.25 -35.07 -10.52
C GLY B 168 16.27 -33.97 -10.86
N SER B 169 15.60 -33.45 -9.83
CA SER B 169 14.61 -32.40 -10.02
C SER B 169 15.34 -31.09 -10.20
N PRO B 170 14.76 -30.22 -11.02
CA PRO B 170 15.35 -28.96 -11.50
C PRO B 170 15.89 -28.10 -10.38
N ALA B 171 15.05 -27.91 -9.37
CA ALA B 171 15.37 -27.07 -8.24
C ALA B 171 16.85 -27.17 -7.85
N PRO B 172 17.52 -25.99 -7.83
CA PRO B 172 18.91 -25.90 -7.40
C PRO B 172 19.00 -26.28 -5.94
N LEU B 173 19.40 -27.52 -5.67
CA LEU B 173 19.54 -27.97 -4.29
C LEU B 173 21.01 -28.06 -3.91
N PRO B 174 21.31 -27.84 -2.62
CA PRO B 174 20.35 -27.49 -1.58
C PRO B 174 20.00 -26.01 -1.65
N ALA B 175 18.75 -25.66 -1.35
CA ALA B 175 18.35 -24.27 -1.31
C ALA B 175 18.94 -23.63 -0.06
N ASP B 176 19.15 -22.31 -0.09
CA ASP B 176 19.68 -21.59 1.07
C ASP B 176 18.60 -21.27 2.12
N ALA B 177 17.34 -21.34 1.72
CA ALA B 177 16.25 -21.20 2.70
C ALA B 177 14.93 -21.81 2.24
N LEU B 178 14.08 -22.16 3.19
CA LEU B 178 12.79 -22.71 2.86
C LEU B 178 11.75 -21.87 3.53
N VAL B 179 10.66 -21.64 2.81
CA VAL B 179 9.50 -21.00 3.39
C VAL B 179 8.42 -22.01 3.22
N SER B 180 7.43 -22.01 4.12
CA SER B 180 6.31 -22.92 3.99
C SER B 180 5.20 -22.50 4.92
N ALA B 181 4.02 -22.32 4.38
CA ALA B 181 2.94 -21.87 5.20
C ALA B 181 1.72 -22.77 5.07
N PHE B 182 1.23 -23.28 6.20
CA PHE B 182 0.03 -24.10 6.24
C PHE B 182 0.14 -25.34 5.33
N CYS B 183 1.33 -25.94 5.24
CA CYS B 183 1.47 -27.14 4.43
C CYS B 183 1.52 -28.44 5.31
N LEU B 184 2.61 -28.63 6.06
CA LEU B 184 2.87 -29.85 6.82
C LEU B 184 1.67 -30.23 7.67
N GLU B 185 1.29 -29.38 8.59
CA GLU B 185 0.25 -29.77 9.51
C GLU B 185 -1.09 -30.02 8.76
N ALA B 186 -1.15 -29.75 7.47
CA ALA B 186 -2.42 -29.79 6.75
C ALA B 186 -2.50 -30.91 5.73
N VAL B 187 -1.40 -31.61 5.55
CA VAL B 187 -1.35 -32.74 4.62
C VAL B 187 -0.85 -33.98 5.35
N SER B 188 -0.74 -33.88 6.67
CA SER B 188 -0.27 -34.96 7.50
C SER B 188 -1.40 -35.46 8.39
N PRO B 189 -1.64 -36.79 8.38
CA PRO B 189 -2.80 -37.34 9.09
C PRO B 189 -2.56 -37.41 10.57
N ASP B 190 -1.30 -37.33 10.97
CA ASP B 190 -0.91 -37.35 12.38
C ASP B 190 0.51 -36.82 12.62
N LEU B 191 0.86 -36.72 13.90
CA LEU B 191 2.07 -36.06 14.36
C LEU B 191 3.39 -36.69 13.88
N ALA B 192 3.39 -37.99 13.60
CA ALA B 192 4.64 -38.61 13.17
C ALA B 192 4.78 -38.36 11.69
N SER B 193 3.63 -38.37 11.00
CA SER B 193 3.56 -38.04 9.58
C SER B 193 4.05 -36.61 9.35
N PHE B 194 3.57 -35.72 10.21
CA PHE B 194 4.02 -34.34 10.26
C PHE B 194 5.53 -34.28 10.45
N GLN B 195 5.98 -34.95 11.50
CA GLN B 195 7.38 -34.95 11.82
C GLN B 195 8.21 -35.50 10.67
N ARG B 196 7.71 -36.49 9.97
CA ARG B 196 8.48 -37.08 8.89
C ARG B 196 8.59 -36.10 7.75
N ALA B 197 7.44 -35.57 7.32
CA ALA B 197 7.46 -34.55 6.26
C ALA B 197 8.36 -33.39 6.60
N LEU B 198 8.46 -33.09 7.89
CA LEU B 198 9.40 -32.06 8.27
C LEU B 198 10.83 -32.50 7.99
N ASP B 199 11.15 -33.76 8.23
CA ASP B 199 12.50 -34.25 7.98
C ASP B 199 12.76 -34.34 6.50
N HIS B 200 11.74 -34.76 5.74
CA HIS B 200 11.86 -34.82 4.29
C HIS B 200 12.23 -33.48 3.61
N ILE B 201 11.51 -32.40 3.94
CA ILE B 201 11.81 -31.11 3.34
C ILE B 201 13.17 -30.61 3.82
N THR B 202 13.54 -30.99 5.03
CA THR B 202 14.82 -30.55 5.58
C THR B 202 16.02 -31.04 4.74
N THR B 203 15.78 -31.99 3.85
CA THR B 203 16.88 -32.50 3.06
C THR B 203 17.20 -31.52 1.94
N LEU B 204 16.24 -30.64 1.64
CA LEU B 204 16.41 -29.68 0.56
C LEU B 204 17.19 -28.46 1.03
N LEU B 205 17.47 -28.39 2.33
CA LEU B 205 17.99 -27.17 2.90
C LEU B 205 19.43 -27.36 3.32
N ARG B 206 20.33 -26.58 2.75
CA ARG B 206 21.74 -26.69 3.13
C ARG B 206 21.87 -26.46 4.61
N PRO B 207 22.95 -26.96 5.20
CA PRO B 207 23.27 -26.77 6.62
C PRO B 207 23.62 -25.32 6.87
N GLY B 208 23.11 -24.73 7.93
CA GLY B 208 23.30 -23.31 8.18
C GLY B 208 22.12 -22.48 7.69
N GLY B 209 21.35 -23.07 6.77
CA GLY B 209 20.23 -22.39 6.15
C GLY B 209 19.01 -22.22 7.03
N HIS B 210 18.01 -21.51 6.51
CA HIS B 210 16.90 -21.05 7.31
C HIS B 210 15.54 -21.57 6.84
N LEU B 211 14.69 -21.91 7.80
CA LEU B 211 13.34 -22.30 7.47
C LEU B 211 12.35 -21.40 8.18
N LEU B 212 11.44 -20.82 7.40
CA LEU B 212 10.38 -20.04 7.96
C LEU B 212 9.14 -20.89 7.84
N LEU B 213 8.58 -21.25 8.99
CA LEU B 213 7.42 -22.08 8.97
C LEU B 213 6.23 -21.34 9.49
N ILE B 214 5.14 -21.37 8.75
CA ILE B 214 3.89 -20.81 9.22
C ILE B 214 2.81 -21.85 9.14
N GLY B 215 1.99 -21.96 10.19
CA GLY B 215 0.92 -22.93 10.14
C GLY B 215 -0.14 -22.76 11.20
N ALA B 216 -1.21 -23.56 11.11
CA ALA B 216 -2.36 -23.49 12.02
C ALA B 216 -2.05 -24.15 13.35
N LEU B 217 -2.80 -23.80 14.40
CA LEU B 217 -2.61 -24.42 15.72
C LEU B 217 -3.95 -24.98 16.17
N GLU B 218 -3.91 -26.19 16.72
CA GLU B 218 -5.11 -26.92 17.14
C GLU B 218 -6.24 -26.83 16.10
N GLU B 219 -5.90 -26.97 14.83
CA GLU B 219 -6.94 -27.05 13.81
C GLU B 219 -7.10 -28.47 13.32
N SER B 220 -8.34 -28.91 13.15
CA SER B 220 -8.58 -30.30 12.74
C SER B 220 -9.13 -30.39 11.33
N TRP B 221 -9.81 -29.34 10.90
CA TRP B 221 -10.39 -29.33 9.56
C TRP B 221 -10.48 -27.91 8.96
N TYR B 222 -10.65 -27.82 7.64
CA TYR B 222 -10.91 -26.53 6.99
C TYR B 222 -11.49 -26.82 5.64
N LEU B 223 -12.40 -25.94 5.20
CA LEU B 223 -13.06 -26.09 3.91
C LEU B 223 -12.30 -25.40 2.78
N ALA B 224 -12.30 -26.05 1.62
CA ALA B 224 -11.78 -25.48 0.40
C ALA B 224 -12.75 -25.82 -0.69
N GLY B 225 -14.01 -25.37 -0.55
CA GLY B 225 -15.04 -25.59 -1.54
C GLY B 225 -15.99 -26.69 -1.13
N GLU B 226 -16.05 -27.77 -1.91
CA GLU B 226 -16.77 -28.99 -1.52
C GLU B 226 -15.93 -29.69 -0.45
N ALA B 227 -14.65 -29.86 -0.80
CA ALA B 227 -13.66 -30.56 0.02
C ALA B 227 -13.55 -29.97 1.42
N ARG B 228 -13.86 -30.78 2.44
CA ARG B 228 -13.71 -30.40 3.84
C ARG B 228 -12.55 -31.16 4.47
N LEU B 229 -11.34 -30.59 4.42
CA LEU B 229 -10.13 -31.37 4.68
C LEU B 229 -9.73 -31.59 6.14
N THR B 230 -8.98 -32.66 6.36
CA THR B 230 -8.58 -33.10 7.69
C THR B 230 -7.15 -32.66 8.02
N VAL B 231 -6.97 -32.13 9.22
CA VAL B 231 -5.72 -31.55 9.63
C VAL B 231 -5.37 -32.12 11.01
N VAL B 232 -4.10 -32.53 11.16
CA VAL B 232 -3.61 -32.91 12.48
C VAL B 232 -3.48 -31.64 13.32
N PRO B 233 -4.27 -31.56 14.38
CA PRO B 233 -4.09 -30.42 15.29
C PRO B 233 -2.72 -30.52 15.94
N VAL B 234 -1.99 -29.42 16.02
CA VAL B 234 -0.70 -29.40 16.71
C VAL B 234 -0.57 -28.20 17.65
N SER B 235 0.51 -28.15 18.40
CA SER B 235 0.63 -27.16 19.44
C SER B 235 1.99 -26.48 19.27
N GLU B 236 2.21 -25.40 20.02
CA GLU B 236 3.44 -24.67 19.86
C GLU B 236 4.57 -25.64 20.21
N GLU B 237 4.44 -26.28 21.37
CA GLU B 237 5.48 -27.22 21.85
C GLU B 237 5.69 -28.36 20.88
N GLU B 238 4.61 -28.96 20.40
CA GLU B 238 4.69 -29.98 19.36
C GLU B 238 5.45 -29.48 18.09
N VAL B 239 5.27 -28.20 17.74
CA VAL B 239 6.00 -27.67 16.60
C VAL B 239 7.45 -27.43 16.99
N ARG B 240 7.70 -26.97 18.21
CA ARG B 240 9.05 -26.71 18.61
C ARG B 240 9.84 -28.02 18.59
N GLU B 241 9.27 -29.03 19.26
CA GLU B 241 9.92 -30.33 19.39
C GLU B 241 10.21 -30.93 18.01
N ALA B 242 9.23 -30.95 17.13
CA ALA B 242 9.46 -31.46 15.78
C ALA B 242 10.67 -30.78 15.13
N LEU B 243 10.79 -29.49 15.37
CA LEU B 243 11.84 -28.70 14.75
C LEU B 243 13.19 -29.18 15.25
N VAL B 244 13.33 -29.31 16.57
CA VAL B 244 14.57 -29.78 17.17
C VAL B 244 14.88 -31.18 16.64
N ARG B 245 13.87 -32.04 16.74
CA ARG B 245 13.96 -33.42 16.31
C ARG B 245 14.49 -33.49 14.89
N SER B 246 14.25 -32.43 14.11
CA SER B 246 14.59 -32.46 12.70
C SER B 246 15.97 -31.90 12.40
N GLY B 247 16.63 -31.35 13.41
CA GLY B 247 18.00 -30.89 13.27
C GLY B 247 18.13 -29.38 13.19
N TYR B 248 17.12 -28.66 13.68
CA TYR B 248 17.16 -27.19 13.64
C TYR B 248 17.47 -26.57 15.01
N LYS B 249 18.00 -25.35 15.01
CA LYS B 249 17.86 -24.48 16.17
C LYS B 249 16.63 -23.62 15.98
N VAL B 250 15.84 -23.50 17.01
CA VAL B 250 14.68 -22.63 16.95
C VAL B 250 15.14 -21.22 17.32
N ARG B 251 15.05 -20.30 16.36
CA ARG B 251 15.48 -18.93 16.61
C ARG B 251 14.32 -18.09 17.12
N ASP B 252 13.13 -18.33 16.59
CA ASP B 252 11.98 -17.57 17.02
C ASP B 252 10.76 -18.41 16.75
N LEU B 253 9.83 -18.41 17.70
CA LEU B 253 8.57 -19.09 17.50
C LEU B 253 7.45 -18.36 18.23
N ARG B 254 6.50 -17.79 17.47
CA ARG B 254 5.47 -16.97 18.08
C ARG B 254 4.04 -17.32 17.67
N THR B 255 3.10 -16.90 18.49
CA THR B 255 1.76 -17.41 18.35
C THR B 255 0.80 -16.25 18.25
N TYR B 256 -0.11 -16.37 17.30
CA TYR B 256 -1.17 -15.41 17.14
C TYR B 256 -2.44 -16.15 17.54
N ILE B 257 -3.17 -15.61 18.51
CA ILE B 257 -4.41 -16.24 18.92
C ILE B 257 -5.59 -15.73 18.11
N MET B 258 -6.19 -16.61 17.31
CA MET B 258 -7.30 -16.20 16.46
C MET B 258 -8.41 -15.52 17.26
N PRO B 259 -8.89 -14.36 16.78
CA PRO B 259 -9.92 -13.57 17.47
C PRO B 259 -11.33 -14.00 17.10
N ALA B 260 -12.27 -13.83 18.02
CA ALA B 260 -13.61 -14.36 17.84
C ALA B 260 -14.18 -14.05 16.47
N HIS B 261 -13.88 -12.85 15.99
CA HIS B 261 -14.54 -12.38 14.80
C HIS B 261 -13.81 -12.72 13.49
N LEU B 262 -12.74 -13.50 13.59
CA LEU B 262 -12.12 -14.01 12.38
C LEU B 262 -12.32 -15.51 12.27
N GLN B 263 -12.92 -16.12 13.30
CA GLN B 263 -13.29 -17.55 13.30
C GLN B 263 -14.62 -17.70 12.58
N THR B 264 -14.58 -18.02 11.29
CA THR B 264 -15.74 -17.88 10.43
C THR B 264 -16.31 -19.17 9.85
N GLY B 265 -15.94 -20.31 10.42
CA GLY B 265 -16.58 -21.54 10.01
C GLY B 265 -16.04 -22.09 8.72
N VAL B 266 -15.00 -21.46 8.18
CA VAL B 266 -14.20 -22.09 7.14
C VAL B 266 -13.29 -23.15 7.78
N ASP B 267 -13.11 -23.03 9.09
CA ASP B 267 -12.27 -23.96 9.84
C ASP B 267 -12.43 -23.84 11.35
N ASP B 268 -11.67 -24.64 12.07
CA ASP B 268 -11.75 -24.66 13.52
C ASP B 268 -10.38 -24.28 14.09
N VAL B 269 -9.57 -23.63 13.25
CA VAL B 269 -8.27 -23.10 13.68
C VAL B 269 -8.44 -22.24 14.95
N LYS B 270 -7.49 -22.34 15.89
CA LYS B 270 -7.60 -21.68 17.19
C LYS B 270 -6.52 -20.64 17.30
N GLY B 271 -5.49 -20.76 16.47
CA GLY B 271 -4.36 -19.84 16.50
C GLY B 271 -3.44 -20.07 15.31
N VAL B 272 -2.31 -19.36 15.29
CA VAL B 272 -1.39 -19.51 14.17
C VAL B 272 0.01 -19.40 14.74
N PHE B 273 0.96 -20.07 14.11
CA PHE B 273 2.30 -20.06 14.68
C PHE B 273 3.22 -19.69 13.56
N PHE B 274 4.27 -18.99 13.91
CA PHE B 274 5.30 -18.70 12.97
C PHE B 274 6.60 -19.12 13.59
N ALA B 275 7.44 -19.70 12.77
CA ALA B 275 8.70 -20.19 13.28
C ALA B 275 9.86 -19.76 12.38
N TRP B 276 10.95 -19.38 13.01
CA TRP B 276 12.17 -19.17 12.27
C TRP B 276 13.16 -20.13 12.87
N ALA B 277 13.76 -20.97 12.01
CA ALA B 277 14.66 -22.04 12.47
C ALA B 277 15.80 -22.25 11.52
N GLN B 278 16.97 -22.54 12.06
CA GLN B 278 18.17 -22.61 11.25
C GLN B 278 18.75 -24.01 11.31
N LYS B 279 18.87 -24.65 10.17
CA LYS B 279 19.31 -26.04 10.13
C LYS B 279 20.75 -26.16 10.57
N VAL B 280 20.94 -26.81 11.71
CA VAL B 280 22.25 -27.02 12.31
C VAL B 280 23.25 -27.65 11.33
N GLY B 281 24.38 -26.97 11.16
CA GLY B 281 25.46 -27.43 10.30
C GLY B 281 26.81 -26.91 10.76
FAC LT5 C . 4.38 20.00 -11.17
CAN LT5 C . 3.63 19.68 -12.26
FAD LT5 C . 3.70 18.34 -12.54
FAE LT5 C . 4.10 20.34 -13.37
CAL LT5 C . 2.19 20.12 -12.09
CAI LT5 C . 1.79 21.16 -12.88
CAH LT5 C . 1.28 19.53 -11.22
CAF LT5 C . -0.02 20.02 -11.17
CAG LT5 C . -0.44 21.08 -11.97
CAK LT5 C . 0.49 21.67 -12.84
CAM LT5 C . 0.17 22.78 -13.85
OAB LT5 C . 0.02 22.20 -15.13
CAJ LT5 C . -1.08 23.58 -13.40
NAA LT5 C . -0.71 24.69 -12.55
N SAH D . -5.46 22.33 -6.35
CA SAH D . -5.51 21.45 -7.51
CB SAH D . -6.11 22.06 -8.78
CG SAH D . -5.50 23.42 -9.20
SD SAH D . -6.04 24.01 -10.84
C SAH D . -4.15 20.88 -7.84
O SAH D . -4.09 20.38 -8.91
OXT SAH D . -3.22 20.79 -6.82
C5' SAH D . -6.58 25.71 -10.50
C4' SAH D . -7.99 25.85 -9.94
O4' SAH D . -8.27 27.17 -9.68
C3' SAH D . -9.05 25.39 -10.93
O3' SAH D . -9.77 24.34 -10.36
C2' SAH D . -9.85 26.48 -11.10
O2' SAH D . -11.19 26.16 -11.27
C1' SAH D . -9.61 27.31 -9.97
N9 SAH D . -9.94 28.72 -10.15
C8 SAH D . -10.12 29.38 -11.30
N7 SAH D . -10.40 30.70 -11.02
C5 SAH D . -10.39 30.85 -9.65
C6 SAH D . -10.59 31.94 -8.84
N6 SAH D . -10.86 33.23 -9.45
N1 SAH D . -10.52 31.78 -7.51
C2 SAH D . -10.26 30.57 -6.98
N3 SAH D . -10.06 29.49 -7.78
C4 SAH D . -10.12 29.64 -9.11
C1 EDO E . -1.82 28.34 -5.49
O1 EDO E . -3.02 28.05 -4.83
C2 EDO E . -0.66 28.77 -4.62
O2 EDO E . 0.63 28.58 -5.12
FAC LT5 F . -5.19 -18.68 10.26
CAN LT5 F . -6.06 -18.50 9.23
FAD LT5 F . -5.97 -17.23 8.85
FAE LT5 F . -7.32 -18.76 9.65
CAL LT5 F . -5.70 -19.39 8.06
CAI LT5 F . -5.98 -20.75 8.13
CAH LT5 F . -5.10 -18.87 6.93
CAF LT5 F . -4.79 -19.71 5.87
CAG LT5 F . -5.05 -21.08 5.92
CAK LT5 F . -5.66 -21.63 7.07
CAM LT5 F . -6.01 -23.13 7.23
OAB LT5 F . -7.39 -23.12 7.32
CAJ LT5 F . -5.61 -23.97 6.01
NAA LT5 F . -4.41 -24.76 6.21
N SAH G . 0.89 -22.10 1.50
CA SAH G . -0.40 -21.57 1.15
CB SAH G . -1.40 -22.68 0.82
CG SAH G . -1.52 -23.80 1.90
SD SAH G . -2.90 -24.99 1.63
C SAH G . -0.91 -20.62 2.23
O SAH G . -0.07 -20.05 2.87
OXT SAH G . -2.27 -20.32 2.19
C5' SAH G . -2.07 -26.62 1.63
C4' SAH G . -1.45 -27.09 0.33
O4' SAH G . -0.80 -28.29 0.55
C3' SAH G . -2.41 -27.34 -0.82
O3' SAH G . -2.09 -26.46 -1.85
C2' SAH G . -2.09 -28.63 -1.18
O2' SAH G . -2.17 -28.87 -2.54
C1' SAH G . -0.80 -28.88 -0.68
N9 SAH G . -0.52 -30.29 -0.54
C8 SAH G . -1.42 -31.28 -0.41
N7 SAH G . -0.75 -32.49 -0.26
C5 SAH G . 0.58 -32.21 -0.27
C6 SAH G . 1.70 -33.03 -0.13
N6 SAH G . 1.50 -34.45 0.07
N1 SAH G . 2.92 -32.47 -0.19
C2 SAH G . 3.05 -31.12 -0.36
N3 SAH G . 1.95 -30.32 -0.48
C4 SAH G . 0.73 -30.87 -0.45
#